data_3KKD
#
_entry.id   3KKD
#
_cell.length_a   157.321
_cell.length_b   82.879
_cell.length_c   46.618
_cell.angle_alpha   90.000
_cell.angle_beta   90.01
_cell.angle_gamma   90.000
#
_symmetry.space_group_name_H-M   'C 1 2 1'
#
loop_
_entity.id
_entity.type
_entity.pdbx_description
1 polymer 'transcriptional regulator'
2 non-polymer 'TRIETHYLENE GLYCOL'
3 non-polymer 'SULFATE ION'
4 non-polymer 'POLYETHYLENE GLYCOL (N=34)'
5 water water
#
_entity_poly.entity_id   1
_entity_poly.type   'polypeptide(L)'
_entity_poly.pdbx_seq_one_letter_code
;(MSE)SRVAPRDSAAQAASAVAESVRYQGRKASRQGSEQRRQAILDAA(MSE)RLIVRDGVRAVRHRAVAAEAQVPLSAT
TYYFKDIDDLITDTFALFVERNAEALSAFWSSVEGDLQE(MSE)AAVLADDPGARGSLVERIVELAVQYVQVQLTERREH
LLAEQAFRQEALLNPRLRELADAHQRILSLGAVHFFQVLGSGQPEQDAKVLTSIILQ(MSE)EYQGLVDGVEQLAVDE
(MSE)RAILRRYLNLV(MSE)GL
;
_entity_poly.pdbx_strand_id   A,B,C
#
# COMPACT_ATOMS: atom_id res chain seq x y z
N GLN A 35 16.84 -48.42 9.37
CA GLN A 35 17.89 -47.37 9.43
C GLN A 35 19.12 -47.78 8.64
N ARG A 36 19.54 -49.03 8.82
CA ARG A 36 20.45 -49.65 7.86
C ARG A 36 19.89 -49.36 6.44
N ARG A 37 18.67 -49.84 6.18
CA ARG A 37 17.98 -49.57 4.91
C ARG A 37 18.08 -48.10 4.54
N GLN A 38 17.85 -47.19 5.49
CA GLN A 38 17.75 -45.73 5.23
C GLN A 38 19.10 -45.06 4.89
N ALA A 39 20.15 -45.46 5.59
CA ALA A 39 21.53 -45.05 5.26
C ALA A 39 21.87 -45.36 3.78
N ILE A 40 21.73 -46.64 3.42
CA ILE A 40 21.94 -47.16 2.06
C ILE A 40 21.19 -46.25 1.06
N LEU A 41 19.87 -46.17 1.20
CA LEU A 41 19.04 -45.30 0.36
C LEU A 41 19.58 -43.89 0.33
N ASP A 42 19.90 -43.36 1.51
CA ASP A 42 20.42 -42.01 1.59
C ASP A 42 21.75 -41.88 0.87
N ALA A 43 22.64 -42.86 1.06
CA ALA A 43 23.90 -42.93 0.32
C ALA A 43 23.71 -43.00 -1.23
N ALA A 44 22.82 -43.88 -1.69
CA ALA A 44 22.48 -43.97 -3.13
C ALA A 44 22.06 -42.60 -3.65
N ARG A 46 22.97 -39.47 -2.41
N ARG A 46 23.00 -39.43 -2.43
CA ARG A 46 24.14 -38.58 -2.48
CA ARG A 46 24.07 -38.45 -2.59
C ARG A 46 24.94 -38.83 -3.74
C ARG A 46 24.95 -38.81 -3.78
N LEU A 47 25.06 -40.10 -4.09
CA LEU A 47 25.76 -40.52 -5.33
C LEU A 47 25.03 -39.99 -6.53
N ILE A 48 23.71 -39.96 -6.43
CA ILE A 48 22.91 -39.61 -7.53
C ILE A 48 23.11 -38.10 -7.75
N VAL A 49 22.93 -37.27 -6.72
CA VAL A 49 23.28 -35.82 -6.78
C VAL A 49 24.68 -35.57 -7.32
N ARG A 50 25.65 -36.30 -6.79
CA ARG A 50 27.06 -36.04 -7.04
C ARG A 50 27.53 -36.55 -8.43
N ASP A 51 27.52 -37.87 -8.60
CA ASP A 51 28.06 -38.53 -9.81
C ASP A 51 26.96 -39.10 -10.73
N GLY A 52 25.73 -38.59 -10.60
CA GLY A 52 24.61 -39.07 -11.41
C GLY A 52 24.05 -40.46 -11.10
N VAL A 53 23.04 -40.85 -11.87
CA VAL A 53 22.39 -42.16 -11.74
C VAL A 53 23.33 -43.34 -11.98
N ARG A 54 24.17 -43.22 -13.01
CA ARG A 54 25.03 -44.30 -13.52
C ARG A 54 26.10 -44.83 -12.56
N ALA A 55 26.44 -44.03 -11.54
CA ALA A 55 27.43 -44.43 -10.50
C ALA A 55 26.82 -45.16 -9.28
N VAL A 56 25.50 -45.40 -9.31
CA VAL A 56 24.80 -46.26 -8.35
C VAL A 56 25.06 -47.76 -8.66
N ARG A 57 26.03 -48.31 -7.96
CA ARG A 57 26.31 -49.73 -7.98
C ARG A 57 26.43 -50.17 -6.53
N HIS A 58 26.34 -51.47 -6.26
CA HIS A 58 26.44 -51.99 -4.87
C HIS A 58 27.75 -51.61 -4.20
N ARG A 59 28.85 -51.68 -4.93
CA ARG A 59 30.17 -51.40 -4.39
C ARG A 59 30.28 -49.91 -4.06
N ALA A 60 30.18 -49.05 -5.08
CA ALA A 60 30.20 -47.59 -4.86
C ALA A 60 29.21 -47.12 -3.75
N VAL A 61 28.10 -47.85 -3.61
CA VAL A 61 27.05 -47.56 -2.61
C VAL A 61 27.41 -48.09 -1.21
N ALA A 62 27.68 -49.41 -1.10
CA ALA A 62 28.14 -49.97 0.16
C ALA A 62 29.33 -49.12 0.61
N ALA A 63 30.19 -48.71 -0.34
CA ALA A 63 31.26 -47.73 -0.08
C ALA A 63 30.68 -46.50 0.66
N GLU A 64 29.74 -45.86 0.01
CA GLU A 64 29.14 -44.60 0.46
C GLU A 64 28.34 -44.65 1.74
N ALA A 65 27.57 -45.73 1.96
CA ALA A 65 26.84 -45.94 3.23
C ALA A 65 27.70 -46.55 4.32
N GLN A 66 28.88 -47.01 3.93
CA GLN A 66 29.87 -47.57 4.85
C GLN A 66 29.50 -48.97 5.34
N VAL A 67 28.99 -49.83 4.46
CA VAL A 67 28.56 -51.19 4.87
C VAL A 67 29.15 -52.26 3.94
N PRO A 68 28.96 -53.57 4.27
CA PRO A 68 29.35 -54.57 3.27
C PRO A 68 28.38 -54.62 2.08
N LEU A 69 28.91 -55.00 0.91
CA LEU A 69 28.14 -55.33 -0.32
C LEU A 69 26.79 -56.05 -0.05
N SER A 70 26.88 -57.22 0.60
CA SER A 70 25.71 -58.10 0.90
C SER A 70 24.59 -57.32 1.60
N ALA A 71 24.96 -56.68 2.70
CA ALA A 71 24.09 -55.74 3.36
C ALA A 71 23.25 -54.96 2.33
N THR A 72 23.87 -54.52 1.21
CA THR A 72 23.14 -53.63 0.27
C THR A 72 22.27 -54.46 -0.69
N ASP A 78 19.60 -56.97 -8.41
CA ASP A 78 18.59 -56.12 -7.81
C ASP A 78 19.07 -54.67 -7.68
N ILE A 79 20.12 -54.27 -8.39
CA ILE A 79 20.56 -52.88 -8.35
C ILE A 79 19.36 -51.97 -8.64
N ASP A 80 18.49 -52.42 -9.54
CA ASP A 80 17.28 -51.69 -9.93
C ASP A 80 16.20 -51.59 -8.85
N ASP A 81 16.21 -52.50 -7.89
CA ASP A 81 15.37 -52.35 -6.72
C ASP A 81 15.89 -51.21 -5.84
N LEU A 82 17.22 -51.13 -5.73
CA LEU A 82 17.87 -50.05 -4.97
C LEU A 82 17.57 -48.67 -5.55
N ILE A 83 17.77 -48.55 -6.86
CA ILE A 83 17.46 -47.33 -7.63
C ILE A 83 16.01 -46.93 -7.39
N THR A 84 15.11 -47.88 -7.61
CA THR A 84 13.66 -47.69 -7.42
C THR A 84 13.31 -47.19 -5.98
N ASP A 85 13.89 -47.84 -4.97
CA ASP A 85 13.68 -47.47 -3.56
C ASP A 85 14.19 -46.07 -3.29
N THR A 86 15.38 -45.77 -3.80
CA THR A 86 15.97 -44.44 -3.69
C THR A 86 15.01 -43.31 -4.20
N PHE A 87 14.57 -43.49 -5.42
CA PHE A 87 13.63 -42.58 -5.98
C PHE A 87 12.24 -42.66 -5.34
N ALA A 88 11.85 -43.79 -4.76
CA ALA A 88 10.62 -43.81 -3.94
C ALA A 88 10.77 -42.86 -2.72
N LEU A 89 11.94 -42.88 -2.09
CA LEU A 89 12.24 -42.02 -0.97
C LEU A 89 12.25 -40.52 -1.29
N PHE A 90 12.83 -40.19 -2.43
CA PHE A 90 12.93 -38.81 -2.91
C PHE A 90 11.53 -38.26 -3.13
N VAL A 91 10.74 -38.95 -3.95
CA VAL A 91 9.30 -38.68 -4.05
C VAL A 91 8.59 -38.52 -2.68
N GLU A 92 8.84 -39.42 -1.73
CA GLU A 92 8.14 -39.36 -0.44
C GLU A 92 8.51 -38.10 0.36
N ARG A 93 9.79 -37.73 0.35
CA ARG A 93 10.29 -36.52 1.04
C ARG A 93 9.77 -35.25 0.41
N ASN A 94 9.68 -35.20 -0.93
N ASN A 94 9.70 -35.21 -0.92
CA ASN A 94 9.08 -34.06 -1.64
CA ASN A 94 9.17 -34.05 -1.61
C ASN A 94 7.63 -33.94 -1.31
C ASN A 94 7.64 -33.95 -1.38
N ALA A 95 6.93 -35.08 -1.38
CA ALA A 95 5.52 -35.12 -0.99
C ALA A 95 5.31 -34.65 0.46
N GLU A 96 6.13 -35.13 1.39
CA GLU A 96 5.99 -34.68 2.74
C GLU A 96 6.35 -33.24 2.92
N ALA A 97 7.39 -32.73 2.25
CA ALA A 97 7.70 -31.29 2.43
C ALA A 97 6.62 -30.35 1.83
N LEU A 98 6.06 -30.79 0.71
CA LEU A 98 4.97 -30.03 0.11
C LEU A 98 3.73 -30.10 1.02
N SER A 99 3.45 -31.26 1.62
CA SER A 99 2.37 -31.33 2.61
C SER A 99 2.61 -30.36 3.77
N ALA A 100 3.81 -30.37 4.34
CA ALA A 100 4.16 -29.41 5.36
C ALA A 100 3.99 -27.97 4.91
N PHE A 101 4.42 -27.65 3.68
CA PHE A 101 4.23 -26.31 3.21
C PHE A 101 2.76 -25.89 3.19
N TRP A 102 1.93 -26.73 2.58
CA TRP A 102 0.49 -26.42 2.38
C TRP A 102 -0.16 -26.31 3.76
N SER A 103 0.21 -27.23 4.68
CA SER A 103 -0.21 -27.16 6.07
C SER A 103 0.15 -25.85 6.80
N SER A 104 1.36 -25.36 6.62
CA SER A 104 1.81 -24.04 7.11
C SER A 104 1.04 -22.81 6.54
N VAL A 105 0.40 -22.91 5.38
CA VAL A 105 -0.34 -21.76 4.87
C VAL A 105 -1.86 -21.93 4.95
N GLU A 106 -2.28 -23.07 5.48
CA GLU A 106 -3.71 -23.37 5.63
C GLU A 106 -4.50 -22.22 6.28
N GLY A 107 -3.94 -21.65 7.32
CA GLY A 107 -4.58 -20.57 8.06
C GLY A 107 -4.68 -19.31 7.22
N ASP A 108 -3.60 -19.05 6.49
CA ASP A 108 -3.55 -17.88 5.62
C ASP A 108 -4.58 -18.01 4.52
N LEU A 109 -4.69 -19.21 3.99
CA LEU A 109 -5.67 -19.46 2.93
C LEU A 109 -7.11 -19.32 3.47
N GLN A 110 -7.33 -19.83 4.66
CA GLN A 110 -8.59 -19.58 5.35
C GLN A 110 -8.89 -18.08 5.56
N GLU A 111 -7.93 -17.28 6.01
CA GLU A 111 -8.19 -15.85 6.22
C GLU A 111 -8.42 -15.16 4.86
N ALA A 113 -9.71 -16.36 2.16
CA ALA A 113 -11.07 -16.67 1.66
C ALA A 113 -12.14 -15.83 2.39
N ALA A 114 -11.97 -15.60 3.70
CA ALA A 114 -12.94 -14.79 4.46
C ALA A 114 -12.90 -13.32 3.99
N VAL A 115 -11.68 -12.79 3.86
CA VAL A 115 -11.46 -11.44 3.33
C VAL A 115 -12.17 -11.30 1.98
N LEU A 116 -12.05 -12.29 1.08
CA LEU A 116 -12.71 -12.17 -0.24
C LEU A 116 -14.23 -12.21 -0.17
N ALA A 117 -14.80 -12.96 0.81
CA ALA A 117 -16.23 -13.11 0.95
C ALA A 117 -16.81 -11.78 1.41
N ASP A 118 -16.15 -11.13 2.34
CA ASP A 118 -16.58 -9.76 2.75
C ASP A 118 -16.33 -8.72 1.69
N ASP A 119 -15.23 -8.85 0.99
CA ASP A 119 -14.79 -7.78 0.10
C ASP A 119 -14.16 -8.30 -1.16
N PRO A 120 -14.98 -8.50 -2.20
CA PRO A 120 -14.41 -8.92 -3.47
C PRO A 120 -13.31 -8.01 -4.04
N GLY A 121 -13.37 -6.70 -3.75
CA GLY A 121 -12.34 -5.71 -4.19
C GLY A 121 -10.93 -5.91 -3.59
N ALA A 122 -10.81 -6.88 -2.69
CA ALA A 122 -9.56 -7.21 -2.03
C ALA A 122 -8.66 -8.13 -2.86
N ARG A 123 -9.09 -8.49 -4.06
CA ARG A 123 -8.29 -9.37 -4.93
C ARG A 123 -6.85 -8.87 -5.10
N GLY A 124 -6.72 -7.60 -5.42
CA GLY A 124 -5.41 -6.96 -5.69
C GLY A 124 -4.48 -7.20 -4.52
N SER A 125 -5.01 -6.97 -3.33
CA SER A 125 -4.35 -7.22 -2.07
C SER A 125 -3.98 -8.62 -1.79
N LEU A 126 -4.93 -9.54 -1.97
CA LEU A 126 -4.62 -10.97 -1.84
C LEU A 126 -3.47 -11.42 -2.70
N VAL A 127 -3.44 -11.01 -3.99
CA VAL A 127 -2.36 -11.46 -4.83
C VAL A 127 -1.00 -11.04 -4.29
N GLU A 128 -0.93 -9.91 -3.60
CA GLU A 128 0.35 -9.41 -3.04
C GLU A 128 0.83 -10.43 -2.02
N ARG A 129 -0.08 -10.83 -1.17
CA ARG A 129 0.21 -11.85 -0.16
C ARG A 129 0.60 -13.21 -0.76
N ILE A 130 -0.20 -13.67 -1.69
CA ILE A 130 0.09 -14.96 -2.30
C ILE A 130 1.47 -15.04 -2.99
N VAL A 131 1.83 -14.01 -3.71
CA VAL A 131 3.08 -14.02 -4.40
C VAL A 131 4.25 -14.08 -3.37
N GLU A 132 4.20 -13.31 -2.32
CA GLU A 132 5.27 -13.33 -1.35
C GLU A 132 5.44 -14.71 -0.70
N LEU A 133 4.32 -15.33 -0.34
CA LEU A 133 4.34 -16.68 0.28
C LEU A 133 4.91 -17.68 -0.72
N ALA A 134 4.56 -17.56 -2.01
CA ALA A 134 5.01 -18.51 -3.02
C ALA A 134 6.53 -18.40 -3.23
N VAL A 135 7.02 -17.19 -3.47
CA VAL A 135 8.46 -17.00 -3.70
C VAL A 135 9.34 -17.40 -2.51
N GLN A 136 8.86 -17.13 -1.30
CA GLN A 136 9.44 -17.63 -0.05
C GLN A 136 9.50 -19.17 -0.01
N TYR A 137 8.45 -19.85 -0.47
CA TYR A 137 8.48 -21.32 -0.74
C TYR A 137 9.72 -21.67 -1.63
N VAL A 138 9.76 -21.11 -2.83
CA VAL A 138 10.78 -21.48 -3.78
C VAL A 138 12.16 -21.19 -3.21
N GLN A 139 12.30 -20.03 -2.58
CA GLN A 139 13.55 -19.65 -1.95
C GLN A 139 14.03 -20.68 -0.95
N VAL A 140 13.15 -21.13 -0.07
CA VAL A 140 13.60 -22.03 0.95
C VAL A 140 13.96 -23.35 0.33
N GLN A 141 13.22 -23.76 -0.69
CA GLN A 141 13.52 -24.96 -1.39
C GLN A 141 14.91 -24.92 -2.03
N LEU A 142 15.28 -23.74 -2.56
CA LEU A 142 16.48 -23.56 -3.40
C LEU A 142 17.74 -23.27 -2.57
N THR A 143 17.56 -23.05 -1.27
CA THR A 143 18.67 -22.66 -0.41
C THR A 143 18.83 -23.80 0.61
N GLU A 144 17.85 -23.93 1.49
CA GLU A 144 17.72 -25.00 2.49
C GLU A 144 17.63 -26.42 1.97
N ARG A 145 16.88 -26.62 0.89
CA ARG A 145 16.60 -27.96 0.38
C ARG A 145 17.20 -28.25 -1.00
N ARG A 146 18.26 -27.54 -1.33
CA ARG A 146 18.95 -27.71 -2.61
C ARG A 146 19.25 -29.15 -3.05
N GLU A 147 19.79 -29.98 -2.15
CA GLU A 147 20.20 -31.34 -2.51
C GLU A 147 18.95 -32.23 -2.79
N HIS A 148 17.92 -32.11 -1.98
CA HIS A 148 16.61 -32.71 -2.29
C HIS A 148 16.04 -32.27 -3.64
N LEU A 149 16.10 -30.98 -3.98
CA LEU A 149 15.70 -30.58 -5.33
C LEU A 149 16.62 -31.16 -6.42
N LEU A 150 17.92 -31.18 -6.15
CA LEU A 150 18.86 -31.78 -7.06
C LEU A 150 18.55 -33.25 -7.28
N ALA A 151 18.18 -33.94 -6.22
CA ALA A 151 17.82 -35.36 -6.35
C ALA A 151 16.52 -35.52 -7.16
N GLU A 152 15.57 -34.60 -7.01
CA GLU A 152 14.32 -34.56 -7.85
C GLU A 152 14.58 -34.35 -9.32
N GLN A 153 15.56 -33.50 -9.64
CA GLN A 153 16.00 -33.35 -11.02
C GLN A 153 16.60 -34.60 -11.56
N ALA A 154 17.39 -35.35 -10.74
CA ALA A 154 17.96 -36.61 -11.22
C ALA A 154 16.85 -37.65 -11.46
N PHE A 155 15.87 -37.70 -10.58
CA PHE A 155 14.74 -38.60 -10.72
C PHE A 155 13.97 -38.35 -12.01
N ARG A 156 13.65 -37.08 -12.25
CA ARG A 156 12.92 -36.71 -13.43
C ARG A 156 13.71 -37.14 -14.70
N GLN A 157 14.98 -36.82 -14.75
CA GLN A 157 15.85 -37.25 -15.82
C GLN A 157 15.81 -38.77 -15.97
N GLU A 158 15.77 -39.48 -14.85
CA GLU A 158 15.83 -40.97 -14.87
C GLU A 158 14.55 -41.66 -15.36
N ALA A 159 13.42 -41.12 -14.96
CA ALA A 159 12.11 -41.66 -15.24
C ALA A 159 11.90 -41.87 -16.72
N LEU A 160 12.43 -40.98 -17.53
CA LEU A 160 12.41 -41.13 -18.97
C LEU A 160 12.95 -42.49 -19.43
N LEU A 161 14.08 -42.93 -18.90
CA LEU A 161 14.81 -44.08 -19.49
C LEU A 161 14.38 -45.41 -18.89
N ASN A 162 13.72 -45.34 -17.75
CA ASN A 162 13.53 -46.48 -16.92
C ASN A 162 12.05 -46.80 -16.78
N PRO A 163 11.59 -47.92 -17.35
CA PRO A 163 10.18 -48.28 -17.25
C PRO A 163 9.78 -48.60 -15.83
N ARG A 164 10.72 -49.12 -15.05
CA ARG A 164 10.49 -49.40 -13.64
C ARG A 164 10.10 -48.15 -12.85
N LEU A 165 10.48 -46.97 -13.35
CA LEU A 165 10.20 -45.68 -12.69
C LEU A 165 9.03 -44.88 -13.25
N ARG A 166 8.44 -45.31 -14.36
CA ARG A 166 7.30 -44.55 -14.89
C ARG A 166 6.10 -44.58 -13.94
N GLU A 167 5.87 -45.71 -13.27
CA GLU A 167 4.89 -45.80 -12.17
C GLU A 167 5.03 -44.65 -11.15
N LEU A 168 6.15 -44.64 -10.42
CA LEU A 168 6.48 -43.55 -9.49
C LEU A 168 6.29 -42.18 -10.10
N ALA A 169 6.75 -41.99 -11.32
CA ALA A 169 6.77 -40.64 -11.95
C ALA A 169 5.37 -40.10 -12.21
N ASP A 170 4.43 -40.99 -12.50
CA ASP A 170 3.04 -40.56 -12.61
C ASP A 170 2.38 -40.36 -11.23
N ALA A 171 2.71 -41.21 -10.25
CA ALA A 171 2.38 -40.92 -8.86
C ALA A 171 2.83 -39.49 -8.56
N HIS A 172 4.05 -39.16 -8.95
CA HIS A 172 4.68 -37.91 -8.58
C HIS A 172 4.04 -36.71 -9.30
N GLN A 173 3.86 -36.73 -10.62
CA GLN A 173 3.19 -35.56 -11.26
C GLN A 173 1.71 -35.37 -10.73
N ARG A 174 1.01 -36.45 -10.34
CA ARG A 174 -0.34 -36.34 -9.70
C ARG A 174 -0.31 -35.73 -8.31
N ILE A 175 0.70 -36.06 -7.52
CA ILE A 175 0.86 -35.40 -6.24
C ILE A 175 1.12 -33.92 -6.41
N LEU A 176 2.05 -33.53 -7.27
CA LEU A 176 2.39 -32.09 -7.47
C LEU A 176 1.17 -31.13 -7.65
N SER A 177 0.28 -31.47 -8.59
CA SER A 177 -0.81 -30.55 -8.92
C SER A 177 -1.87 -30.51 -7.83
N LEU A 178 -1.99 -31.56 -7.03
CA LEU A 178 -3.21 -31.72 -6.26
C LEU A 178 -3.33 -30.76 -5.08
N GLY A 179 -2.22 -30.37 -4.44
CA GLY A 179 -2.28 -29.20 -3.51
C GLY A 179 -2.62 -27.88 -4.16
N ALA A 180 -2.16 -27.70 -5.36
CA ALA A 180 -2.42 -26.43 -5.95
C ALA A 180 -3.95 -26.33 -6.20
N VAL A 181 -4.62 -27.50 -6.30
CA VAL A 181 -6.00 -27.53 -6.68
C VAL A 181 -6.84 -26.92 -5.64
N HIS A 182 -6.64 -27.30 -4.37
CA HIS A 182 -7.44 -26.68 -3.26
C HIS A 182 -7.20 -25.18 -3.16
N PHE A 183 -5.97 -24.77 -3.45
CA PHE A 183 -5.66 -23.37 -3.42
C PHE A 183 -6.48 -22.57 -4.46
N PHE A 184 -6.48 -23.01 -5.71
CA PHE A 184 -7.32 -22.37 -6.75
C PHE A 184 -8.81 -22.46 -6.52
N GLN A 185 -9.26 -23.60 -5.99
CA GLN A 185 -10.65 -23.74 -5.63
C GLN A 185 -10.95 -22.77 -4.53
N VAL A 186 -10.10 -22.71 -3.53
CA VAL A 186 -10.38 -21.83 -2.43
C VAL A 186 -10.48 -20.41 -2.91
N LEU A 187 -9.74 -20.03 -3.93
CA LEU A 187 -9.81 -18.67 -4.44
C LEU A 187 -10.87 -18.43 -5.52
N GLY A 188 -11.68 -19.41 -5.86
CA GLY A 188 -12.70 -19.11 -6.83
C GLY A 188 -12.20 -19.07 -8.27
N SER A 189 -11.09 -19.74 -8.55
CA SER A 189 -10.60 -19.83 -9.91
C SER A 189 -11.59 -20.49 -10.86
N GLY A 190 -11.63 -19.97 -12.07
CA GLY A 190 -12.53 -20.54 -13.06
C GLY A 190 -12.23 -21.99 -13.39
N GLN A 191 -10.95 -22.38 -13.39
CA GLN A 191 -10.58 -23.78 -13.82
C GLN A 191 -9.42 -24.31 -12.90
N PRO A 192 -9.77 -24.63 -11.67
CA PRO A 192 -8.74 -24.94 -10.66
C PRO A 192 -7.78 -26.06 -11.09
N GLU A 193 -8.26 -27.06 -11.84
CA GLU A 193 -7.32 -28.15 -12.26
C GLU A 193 -6.29 -27.72 -13.27
N GLN A 194 -6.72 -26.90 -14.22
CA GLN A 194 -5.80 -26.42 -15.24
C GLN A 194 -4.89 -25.34 -14.63
N ASP A 195 -5.43 -24.54 -13.72
CA ASP A 195 -4.57 -23.54 -13.03
C ASP A 195 -3.49 -24.24 -12.21
N ALA A 196 -3.86 -25.30 -11.51
CA ALA A 196 -2.90 -26.06 -10.68
C ALA A 196 -1.73 -26.62 -11.55
N LYS A 197 -2.04 -27.05 -12.77
CA LYS A 197 -0.99 -27.51 -13.70
C LYS A 197 -0.09 -26.42 -14.24
N VAL A 198 -0.65 -25.26 -14.49
CA VAL A 198 0.09 -24.15 -15.00
C VAL A 198 0.99 -23.71 -13.88
N LEU A 199 0.41 -23.61 -12.68
CA LEU A 199 1.22 -23.23 -11.51
C LEU A 199 2.43 -24.14 -11.30
N THR A 200 2.15 -25.43 -11.32
CA THR A 200 3.18 -26.45 -11.25
C THR A 200 4.28 -26.26 -12.30
N SER A 201 3.86 -25.96 -13.51
CA SER A 201 4.78 -25.77 -14.61
C SER A 201 5.71 -24.59 -14.32
N ILE A 202 5.15 -23.52 -13.78
CA ILE A 202 5.91 -22.33 -13.56
C ILE A 202 6.88 -22.59 -12.43
N ILE A 203 6.41 -23.19 -11.36
CA ILE A 203 7.26 -23.38 -10.21
C ILE A 203 8.42 -24.34 -10.56
N LEU A 204 8.18 -25.39 -11.32
CA LEU A 204 9.24 -26.36 -11.65
C LEU A 204 10.35 -25.66 -12.45
N GLN A 205 9.94 -24.82 -13.36
CA GLN A 205 10.93 -24.13 -14.15
C GLN A 205 11.71 -23.13 -13.33
N GLU A 207 12.32 -23.44 -10.07
CA GLU A 207 13.26 -24.24 -9.37
C GLU A 207 14.51 -24.63 -10.18
N TYR A 208 14.31 -25.13 -11.37
CA TYR A 208 15.39 -25.49 -12.25
C TYR A 208 16.30 -24.29 -12.50
N GLN A 209 15.70 -23.12 -12.77
CA GLN A 209 16.49 -21.96 -13.12
C GLN A 209 17.28 -21.44 -11.90
N GLY A 210 16.70 -21.48 -10.69
CA GLY A 210 17.43 -21.24 -9.45
C GLY A 210 18.58 -22.19 -9.16
N LEU A 211 18.43 -23.49 -9.46
CA LEU A 211 19.52 -24.44 -9.35
C LEU A 211 20.64 -24.09 -10.27
N VAL A 212 20.33 -23.62 -11.47
CA VAL A 212 21.35 -23.23 -12.46
C VAL A 212 21.98 -21.93 -12.02
N ASP A 213 21.18 -20.93 -11.65
CA ASP A 213 21.75 -19.64 -11.19
C ASP A 213 22.58 -19.77 -9.90
N GLY A 214 22.15 -20.62 -8.99
CA GLY A 214 22.85 -20.71 -7.71
C GLY A 214 22.32 -19.71 -6.70
N VAL A 215 22.60 -20.05 -5.43
CA VAL A 215 21.98 -19.43 -4.26
C VAL A 215 22.30 -17.96 -4.12
N GLU A 216 23.48 -17.52 -4.51
CA GLU A 216 23.76 -16.08 -4.37
C GLU A 216 23.12 -15.21 -5.46
N GLN A 217 22.57 -15.83 -6.51
CA GLN A 217 22.11 -15.07 -7.67
C GLN A 217 20.68 -15.46 -8.04
N LEU A 218 19.90 -15.88 -7.08
CA LEU A 218 18.49 -16.17 -7.28
C LEU A 218 17.72 -14.97 -7.91
N ALA A 219 16.91 -15.23 -8.90
CA ALA A 219 16.23 -14.10 -9.59
C ALA A 219 14.88 -13.93 -8.96
N VAL A 220 14.89 -13.50 -7.71
CA VAL A 220 13.72 -13.52 -6.86
C VAL A 220 12.64 -12.53 -7.39
N ASP A 221 13.04 -11.33 -7.86
CA ASP A 221 12.09 -10.38 -8.42
C ASP A 221 11.54 -10.84 -9.77
N GLU A 222 12.30 -11.60 -10.54
CA GLU A 222 11.74 -12.15 -11.77
C GLU A 222 10.73 -13.25 -11.44
N ARG A 224 8.86 -13.40 -8.79
CA ARG A 224 7.67 -12.65 -8.38
C ARG A 224 6.95 -12.16 -9.59
N ALA A 225 7.65 -11.58 -10.55
CA ALA A 225 6.87 -11.00 -11.71
C ALA A 225 6.17 -12.04 -12.52
N ILE A 226 6.84 -13.19 -12.71
CA ILE A 226 6.21 -14.25 -13.49
C ILE A 226 4.94 -14.81 -12.81
N LEU A 227 5.09 -15.16 -11.55
CA LEU A 227 4.02 -15.72 -10.72
C LEU A 227 2.88 -14.73 -10.68
N ARG A 228 3.23 -13.44 -10.49
CA ARG A 228 2.22 -12.39 -10.32
C ARG A 228 1.44 -12.24 -11.59
N ARG A 229 2.11 -12.31 -12.73
CA ARG A 229 1.40 -12.13 -13.98
C ARG A 229 0.29 -13.27 -14.07
N TYR A 230 0.68 -14.52 -13.78
CA TYR A 230 -0.26 -15.60 -13.85
C TYR A 230 -1.39 -15.50 -12.85
N LEU A 231 -1.06 -15.20 -11.61
CA LEU A 231 -2.08 -15.08 -10.62
C LEU A 231 -2.98 -13.88 -10.84
N ASN A 232 -2.44 -12.75 -11.31
CA ASN A 232 -3.34 -11.62 -11.65
C ASN A 232 -4.43 -12.07 -12.65
N LEU A 233 -4.00 -12.75 -13.69
CA LEU A 233 -4.90 -13.24 -14.70
C LEU A 233 -5.95 -14.15 -14.09
N VAL A 234 -5.55 -15.09 -13.23
CA VAL A 234 -6.54 -15.99 -12.60
C VAL A 234 -7.58 -15.19 -11.80
N GLY A 236 -8.58 -12.09 -12.38
CA GLY A 236 -9.34 -11.08 -13.13
C GLY A 236 -8.71 -9.66 -13.13
N LEU A 237 -7.44 -9.56 -12.79
CA LEU A 237 -6.82 -8.23 -12.62
C LEU A 237 -6.09 -7.80 -13.86
N GLY B 32 -36.01 26.64 20.25
CA GLY B 32 -36.46 25.22 20.41
C GLY B 32 -35.40 24.38 21.10
N SER B 33 -35.29 23.10 20.71
CA SER B 33 -34.26 22.20 21.28
C SER B 33 -33.35 21.67 20.15
N GLU B 34 -33.89 20.90 19.22
CA GLU B 34 -33.10 20.47 18.06
C GLU B 34 -32.50 21.68 17.35
N GLN B 35 -33.33 22.71 17.17
CA GLN B 35 -32.93 23.97 16.55
C GLN B 35 -31.77 24.65 17.27
N ARG B 36 -31.89 24.84 18.57
CA ARG B 36 -30.83 25.51 19.34
C ARG B 36 -29.53 24.75 19.20
N ARG B 37 -29.63 23.43 19.34
CA ARG B 37 -28.49 22.54 19.28
C ARG B 37 -27.86 22.64 17.88
N GLN B 38 -28.70 22.79 16.87
CA GLN B 38 -28.20 22.85 15.50
C GLN B 38 -27.44 24.14 15.25
N ALA B 39 -27.92 25.22 15.89
CA ALA B 39 -27.30 26.56 15.86
C ALA B 39 -25.93 26.56 16.51
N ILE B 40 -25.79 25.80 17.60
CA ILE B 40 -24.49 25.61 18.26
C ILE B 40 -23.54 24.85 17.31
N LEU B 41 -24.01 23.76 16.69
CA LEU B 41 -23.20 23.00 15.73
C LEU B 41 -22.81 23.85 14.53
N ASP B 42 -23.76 24.60 13.99
CA ASP B 42 -23.50 25.54 12.89
C ASP B 42 -22.52 26.63 13.25
N ALA B 43 -22.64 27.15 14.46
CA ALA B 43 -21.72 28.16 14.94
C ALA B 43 -20.29 27.58 15.03
N ALA B 44 -20.20 26.34 15.51
CA ALA B 44 -18.95 25.62 15.67
C ALA B 44 -18.28 25.50 14.33
N ARG B 46 -18.61 27.43 11.74
CA ARG B 46 -18.12 28.70 11.23
C ARG B 46 -16.76 29.03 11.83
N LEU B 47 -16.63 28.90 13.14
CA LEU B 47 -15.33 29.02 13.79
C LEU B 47 -14.23 28.13 13.12
N ILE B 48 -14.60 26.89 12.81
CA ILE B 48 -13.63 25.96 12.35
C ILE B 48 -13.22 26.39 10.94
N VAL B 49 -14.19 26.85 10.17
CA VAL B 49 -13.96 27.27 8.81
C VAL B 49 -13.17 28.58 8.75
N ARG B 50 -13.37 29.44 9.74
CA ARG B 50 -12.75 30.75 9.74
C ARG B 50 -11.40 30.63 10.41
N ASP B 51 -11.38 30.03 11.58
CA ASP B 51 -10.24 30.13 12.48
C ASP B 51 -9.62 28.82 12.94
N GLY B 52 -10.02 27.67 12.37
CA GLY B 52 -9.36 26.43 12.72
C GLY B 52 -9.87 25.92 14.07
N VAL B 53 -9.32 24.78 14.51
CA VAL B 53 -9.96 24.00 15.53
C VAL B 53 -9.68 24.57 16.91
N ARG B 54 -8.62 25.37 17.02
CA ARG B 54 -8.34 26.08 18.25
C ARG B 54 -9.44 27.11 18.63
N ALA B 55 -10.24 27.53 17.65
CA ALA B 55 -11.30 28.52 17.83
C ALA B 55 -12.52 27.88 18.42
N VAL B 56 -12.53 26.56 18.51
CA VAL B 56 -13.67 25.85 19.03
C VAL B 56 -13.51 25.79 20.56
N ARG B 57 -14.02 26.81 21.22
CA ARG B 57 -14.16 26.92 22.67
C ARG B 57 -15.61 27.17 23.01
N HIS B 58 -16.03 26.79 24.22
CA HIS B 58 -17.43 26.93 24.59
C HIS B 58 -17.91 28.40 24.39
N ARG B 59 -17.11 29.36 24.79
CA ARG B 59 -17.56 30.79 24.71
C ARG B 59 -17.59 31.38 23.33
N ALA B 60 -16.63 30.98 22.52
CA ALA B 60 -16.64 31.40 21.13
C ALA B 60 -17.82 30.82 20.45
N VAL B 61 -18.13 29.57 20.74
CA VAL B 61 -19.26 28.92 20.08
C VAL B 61 -20.57 29.59 20.53
N ALA B 62 -20.70 29.78 21.85
CA ALA B 62 -21.81 30.52 22.39
C ALA B 62 -21.88 31.95 21.77
N ALA B 63 -20.78 32.70 21.79
CA ALA B 63 -20.84 34.09 21.24
C ALA B 63 -21.29 34.05 19.79
N GLU B 64 -20.98 32.95 19.10
CA GLU B 64 -21.17 32.86 17.65
C GLU B 64 -22.54 32.30 17.27
N ALA B 65 -23.18 31.57 18.17
CA ALA B 65 -24.56 31.14 17.93
C ALA B 65 -25.47 32.06 18.68
N GLN B 66 -24.84 33.03 19.36
CA GLN B 66 -25.49 33.98 20.25
C GLN B 66 -26.43 33.25 21.24
N VAL B 67 -25.90 32.24 21.95
CA VAL B 67 -26.69 31.59 22.99
C VAL B 67 -25.93 31.68 24.28
N PRO B 68 -26.62 31.51 25.43
CA PRO B 68 -25.84 31.54 26.64
C PRO B 68 -24.76 30.47 26.67
N LEU B 69 -23.67 30.77 27.34
CA LEU B 69 -22.58 29.85 27.52
C LEU B 69 -23.03 28.54 28.11
N SER B 70 -23.83 28.61 29.17
CA SER B 70 -24.27 27.40 29.86
C SER B 70 -25.06 26.51 28.93
N ALA B 71 -25.48 27.06 27.78
CA ALA B 71 -26.33 26.33 26.86
C ALA B 71 -25.52 25.33 26.08
N THR B 72 -24.23 25.63 25.90
CA THR B 72 -23.38 24.76 25.11
C THR B 72 -23.00 23.58 25.91
N THR B 73 -22.76 23.79 27.21
CA THR B 73 -22.51 22.69 28.17
C THR B 73 -23.80 21.94 28.53
N TYR B 74 -24.95 22.47 28.14
CA TYR B 74 -26.21 21.74 28.40
C TYR B 74 -26.33 20.64 27.38
N TYR B 75 -26.12 21.00 26.14
CA TYR B 75 -26.24 20.06 25.04
C TYR B 75 -25.01 19.19 24.86
N PHE B 76 -23.87 19.72 25.26
CA PHE B 76 -22.59 18.99 25.17
C PHE B 76 -21.72 19.61 26.24
N LYS B 77 -21.84 19.09 27.44
CA LYS B 77 -20.96 19.49 28.51
C LYS B 77 -19.52 19.45 28.01
N ASP B 78 -19.17 18.42 27.25
CA ASP B 78 -17.83 18.21 26.83
C ASP B 78 -17.53 18.84 25.49
N ILE B 79 -16.42 19.55 25.38
CA ILE B 79 -16.10 20.17 24.10
C ILE B 79 -15.79 19.15 23.01
N ASP B 80 -15.12 18.07 23.36
CA ASP B 80 -14.89 16.99 22.41
C ASP B 80 -16.18 16.44 21.83
N ASP B 81 -17.17 16.29 22.70
CA ASP B 81 -18.51 15.98 22.30
C ASP B 81 -19.05 16.93 21.25
N LEU B 82 -18.94 18.22 21.47
CA LEU B 82 -19.43 19.18 20.48
C LEU B 82 -18.66 18.99 19.16
N ILE B 83 -17.36 18.83 19.29
CA ILE B 83 -16.50 18.71 18.11
C ILE B 83 -16.83 17.48 17.31
N THR B 84 -16.96 16.36 18.01
CA THR B 84 -17.37 15.10 17.37
C THR B 84 -18.62 15.23 16.53
N ASP B 85 -19.64 15.86 17.12
CA ASP B 85 -20.92 15.99 16.45
C ASP B 85 -20.91 16.94 15.30
N THR B 86 -20.19 18.03 15.46
CA THR B 86 -19.99 18.99 14.37
C THR B 86 -19.39 18.24 13.20
N PHE B 87 -18.28 17.57 13.43
CA PHE B 87 -17.68 16.75 12.35
C PHE B 87 -18.53 15.61 11.90
N ALA B 88 -19.34 15.02 12.76
CA ALA B 88 -20.27 14.00 12.25
C ALA B 88 -21.11 14.66 11.16
N LEU B 89 -21.62 15.86 11.45
CA LEU B 89 -22.45 16.63 10.49
C LEU B 89 -21.71 16.89 9.20
N PHE B 90 -20.51 17.42 9.38
CA PHE B 90 -19.54 17.74 8.30
C PHE B 90 -19.30 16.57 7.34
N VAL B 91 -18.90 15.40 7.86
CA VAL B 91 -18.89 14.13 7.09
C VAL B 91 -20.22 13.73 6.40
N GLU B 92 -21.38 13.75 7.05
CA GLU B 92 -22.58 13.28 6.35
C GLU B 92 -22.91 14.18 5.13
N ARG B 93 -22.72 15.49 5.33
CA ARG B 93 -22.90 16.47 4.26
C ARG B 93 -22.05 16.15 3.04
N ASN B 94 -20.71 16.10 3.19
N ASN B 94 -20.72 16.11 3.20
CA ASN B 94 -19.86 15.83 2.02
CA ASN B 94 -19.86 15.82 2.05
C ASN B 94 -20.06 14.42 1.46
C ASN B 94 -20.10 14.44 1.46
N ALA B 95 -20.51 13.49 2.30
CA ALA B 95 -20.95 12.14 1.84
C ALA B 95 -22.09 12.28 0.87
N GLU B 96 -23.14 12.96 1.32
CA GLU B 96 -24.34 13.12 0.48
C GLU B 96 -24.06 13.92 -0.81
N ALA B 97 -23.37 15.04 -0.68
CA ALA B 97 -22.86 15.78 -1.86
C ALA B 97 -22.24 14.85 -2.91
N LEU B 98 -21.31 14.00 -2.46
CA LEU B 98 -20.61 13.04 -3.33
C LEU B 98 -21.57 11.97 -3.88
N SER B 99 -22.43 11.47 -3.03
CA SER B 99 -23.43 10.57 -3.56
C SER B 99 -24.21 11.32 -4.64
N ALA B 100 -24.63 12.55 -4.34
CA ALA B 100 -25.49 13.31 -5.30
C ALA B 100 -24.74 13.62 -6.59
N PHE B 101 -23.43 13.86 -6.46
CA PHE B 101 -22.64 14.14 -7.65
C PHE B 101 -22.64 12.95 -8.59
N TRP B 102 -22.44 11.74 -8.02
CA TRP B 102 -22.26 10.51 -8.79
C TRP B 102 -23.54 10.11 -9.49
N SER B 103 -24.60 10.08 -8.71
CA SER B 103 -25.93 9.68 -9.20
C SER B 103 -26.30 10.54 -10.43
N SER B 104 -25.94 11.83 -10.39
CA SER B 104 -26.26 12.82 -11.42
C SER B 104 -25.36 12.78 -12.63
N VAL B 105 -24.20 12.16 -12.51
CA VAL B 105 -23.33 12.01 -13.67
C VAL B 105 -23.47 10.60 -14.28
N GLU B 106 -24.36 9.77 -13.72
CA GLU B 106 -24.49 8.35 -14.13
C GLU B 106 -24.91 8.15 -15.61
N GLY B 107 -25.85 8.98 -16.07
CA GLY B 107 -26.27 8.94 -17.44
C GLY B 107 -25.11 9.12 -18.39
N ASP B 108 -24.40 10.23 -18.22
CA ASP B 108 -23.24 10.55 -19.02
C ASP B 108 -22.26 9.40 -19.13
N LEU B 109 -22.08 8.69 -18.02
CA LEU B 109 -21.05 7.68 -17.89
C LEU B 109 -21.47 6.46 -18.69
N GLN B 110 -22.76 6.17 -18.66
CA GLN B 110 -23.33 5.17 -19.56
C GLN B 110 -23.14 5.49 -21.03
N GLU B 111 -23.48 6.71 -21.45
CA GLU B 111 -23.34 7.12 -22.85
C GLU B 111 -21.89 6.90 -23.30
N ALA B 113 -19.48 4.83 -21.94
CA ALA B 113 -19.28 3.38 -22.07
C ALA B 113 -19.82 2.87 -23.42
N ALA B 114 -21.08 3.19 -23.69
CA ALA B 114 -21.80 2.77 -24.92
C ALA B 114 -21.15 3.37 -26.15
N VAL B 115 -20.70 4.62 -26.05
CA VAL B 115 -19.95 5.23 -27.14
C VAL B 115 -18.59 4.56 -27.34
N LEU B 116 -17.90 4.27 -26.25
CA LEU B 116 -16.62 3.57 -26.30
C LEU B 116 -16.81 2.31 -27.12
N ALA B 117 -17.78 1.48 -26.71
CA ALA B 117 -17.97 0.15 -27.27
C ALA B 117 -18.18 0.14 -28.78
N ASP B 118 -18.91 1.13 -29.29
CA ASP B 118 -19.07 1.23 -30.72
C ASP B 118 -17.76 1.65 -31.36
N ASP B 119 -16.99 2.54 -30.72
CA ASP B 119 -15.71 2.92 -31.32
C ASP B 119 -14.54 3.12 -30.36
N PRO B 120 -13.80 2.02 -30.05
CA PRO B 120 -12.58 2.02 -29.19
C PRO B 120 -11.56 3.15 -29.44
N GLY B 121 -11.52 3.66 -30.67
CA GLY B 121 -10.70 4.80 -31.01
C GLY B 121 -11.13 6.11 -30.34
N ALA B 122 -12.31 6.11 -29.68
CA ALA B 122 -12.87 7.28 -28.97
C ALA B 122 -12.26 7.46 -27.61
N ARG B 123 -11.54 6.46 -27.14
CA ARG B 123 -11.06 6.53 -25.76
C ARG B 123 -10.38 7.88 -25.48
N GLY B 124 -9.62 8.39 -26.45
CA GLY B 124 -8.86 9.62 -26.26
C GLY B 124 -9.74 10.86 -26.10
N SER B 125 -10.83 10.88 -26.81
CA SER B 125 -11.76 11.94 -26.63
C SER B 125 -12.55 11.76 -25.32
N LEU B 126 -12.86 10.53 -24.98
CA LEU B 126 -13.54 10.33 -23.69
C LEU B 126 -12.66 10.76 -22.51
N VAL B 127 -11.36 10.47 -22.56
CA VAL B 127 -10.50 10.96 -21.52
C VAL B 127 -10.63 12.50 -21.42
N GLU B 128 -10.44 13.18 -22.53
CA GLU B 128 -10.58 14.64 -22.55
C GLU B 128 -11.84 15.17 -21.89
N ARG B 129 -12.98 14.51 -22.12
CA ARG B 129 -14.24 14.95 -21.51
C ARG B 129 -14.25 14.62 -20.04
N ILE B 130 -13.69 13.48 -19.64
CA ILE B 130 -13.63 13.18 -18.23
C ILE B 130 -12.71 14.22 -17.57
N VAL B 131 -11.55 14.45 -18.17
CA VAL B 131 -10.62 15.44 -17.60
C VAL B 131 -11.34 16.74 -17.30
N GLU B 132 -12.13 17.19 -18.26
CA GLU B 132 -12.77 18.50 -18.14
C GLU B 132 -13.86 18.49 -17.11
N LEU B 133 -14.62 17.42 -17.00
CA LEU B 133 -15.63 17.34 -15.93
C LEU B 133 -14.98 17.30 -14.55
N ALA B 134 -13.86 16.59 -14.47
CA ALA B 134 -13.13 16.47 -13.20
C ALA B 134 -12.61 17.78 -12.72
N VAL B 135 -11.98 18.54 -13.62
CA VAL B 135 -11.35 19.82 -13.36
C VAL B 135 -12.46 20.76 -12.96
N GLN B 136 -13.59 20.67 -13.64
CA GLN B 136 -14.75 21.45 -13.24
C GLN B 136 -15.23 21.10 -11.89
N TYR B 137 -15.34 19.83 -11.58
CA TYR B 137 -15.69 19.38 -10.21
C TYR B 137 -14.79 20.04 -9.13
N VAL B 138 -13.48 20.03 -9.33
CA VAL B 138 -12.54 20.58 -8.32
C VAL B 138 -12.63 22.09 -8.25
N GLN B 139 -12.73 22.74 -9.41
CA GLN B 139 -12.84 24.23 -9.40
C GLN B 139 -14.09 24.72 -8.68
N VAL B 140 -15.21 24.04 -8.90
CA VAL B 140 -16.41 24.36 -8.17
C VAL B 140 -16.18 24.24 -6.65
N GLN B 141 -15.53 23.17 -6.23
CA GLN B 141 -15.34 22.88 -4.82
C GLN B 141 -14.48 23.98 -4.24
N LEU B 142 -13.47 24.40 -5.00
CA LEU B 142 -12.55 25.36 -4.48
C LEU B 142 -13.22 26.75 -4.46
N THR B 143 -13.73 27.15 -5.61
CA THR B 143 -14.26 28.50 -5.78
C THR B 143 -15.60 28.70 -5.14
N GLU B 144 -16.40 27.64 -4.96
CA GLU B 144 -17.79 27.83 -4.48
C GLU B 144 -18.12 27.13 -3.19
N ARG B 145 -17.55 25.95 -2.95
CA ARG B 145 -17.83 25.18 -1.76
C ARG B 145 -16.60 25.17 -0.83
N ARG B 146 -15.84 26.26 -0.88
CA ARG B 146 -14.59 26.36 -0.16
C ARG B 146 -14.70 26.05 1.33
N GLU B 147 -15.82 26.44 1.95
CA GLU B 147 -16.00 26.21 3.42
C GLU B 147 -16.20 24.72 3.72
N HIS B 148 -16.84 24.00 2.81
CA HIS B 148 -16.91 22.51 2.90
C HIS B 148 -15.57 21.82 2.77
N LEU B 149 -14.74 22.16 1.79
CA LEU B 149 -13.38 21.65 1.73
C LEU B 149 -12.66 21.88 3.09
N LEU B 150 -12.81 23.08 3.67
CA LEU B 150 -12.07 23.48 4.86
C LEU B 150 -12.53 22.74 6.12
N ALA B 151 -13.83 22.52 6.28
CA ALA B 151 -14.34 21.60 7.33
C ALA B 151 -13.89 20.15 7.09
N GLU B 152 -13.80 19.74 5.84
CA GLU B 152 -13.32 18.37 5.51
C GLU B 152 -11.84 18.20 5.97
N GLN B 153 -11.01 19.23 5.72
CA GLN B 153 -9.60 19.18 6.13
C GLN B 153 -9.42 19.22 7.65
N ALA B 154 -10.17 20.06 8.34
CA ALA B 154 -10.12 20.05 9.84
C ALA B 154 -10.61 18.69 10.36
N PHE B 155 -11.52 18.03 9.63
CA PHE B 155 -11.95 16.64 10.03
C PHE B 155 -10.79 15.65 9.97
N ARG B 156 -10.09 15.71 8.86
CA ARG B 156 -8.92 14.87 8.69
C ARG B 156 -7.80 15.12 9.77
N GLN B 157 -7.52 16.38 10.02
CA GLN B 157 -6.54 16.78 10.98
C GLN B 157 -6.92 16.21 12.36
N GLU B 158 -8.21 16.29 12.67
CA GLU B 158 -8.55 16.00 14.05
C GLU B 158 -8.73 14.54 14.25
N ALA B 159 -9.15 13.82 13.20
CA ALA B 159 -9.33 12.36 13.29
C ALA B 159 -8.02 11.62 13.52
N LEU B 160 -6.86 12.25 13.35
CA LEU B 160 -5.62 11.58 13.69
C LEU B 160 -5.55 11.15 15.16
N LEU B 161 -6.14 11.89 16.10
CA LEU B 161 -5.83 11.52 17.50
C LEU B 161 -7.02 11.41 18.41
N ASN B 162 -8.16 11.83 17.91
CA ASN B 162 -9.41 11.60 18.57
C ASN B 162 -9.99 10.25 18.14
N PRO B 163 -10.00 9.23 19.03
CA PRO B 163 -10.53 7.91 18.63
C PRO B 163 -11.98 7.87 18.15
N ARG B 164 -12.81 8.71 18.74
CA ARG B 164 -14.18 8.83 18.29
C ARG B 164 -14.19 9.15 16.80
N LEU B 165 -13.47 10.20 16.45
CA LEU B 165 -13.47 10.68 15.06
C LEU B 165 -12.89 9.62 14.16
N ARG B 166 -11.77 9.03 14.59
CA ARG B 166 -11.15 7.95 13.81
C ARG B 166 -12.24 7.05 13.22
N GLU B 167 -13.19 6.59 14.05
CA GLU B 167 -14.37 5.85 13.58
C GLU B 167 -14.99 6.43 12.32
N LEU B 168 -15.40 7.70 12.40
CA LEU B 168 -15.97 8.39 11.26
C LEU B 168 -14.96 8.49 10.13
N ALA B 169 -13.70 8.68 10.50
CA ALA B 169 -12.57 8.85 9.56
C ALA B 169 -12.46 7.72 8.58
N ASP B 170 -12.31 6.52 9.15
CA ASP B 170 -12.24 5.26 8.40
C ASP B 170 -13.55 5.04 7.59
N ALA B 171 -14.66 5.62 8.07
CA ALA B 171 -15.95 5.50 7.38
C ALA B 171 -15.95 6.44 6.15
N HIS B 172 -15.37 7.64 6.29
CA HIS B 172 -15.34 8.61 5.19
C HIS B 172 -14.40 8.17 4.03
N GLN B 173 -13.20 7.68 4.34
CA GLN B 173 -12.25 7.21 3.31
C GLN B 173 -12.89 6.20 2.35
N ARG B 174 -13.65 5.25 2.90
CA ARG B 174 -14.37 4.20 2.11
C ARG B 174 -15.49 4.81 1.30
N ILE B 175 -16.34 5.58 1.97
CA ILE B 175 -17.30 6.44 1.28
C ILE B 175 -16.67 6.95 -0.04
N LEU B 176 -15.54 7.64 0.12
CA LEU B 176 -14.98 8.53 -0.91
C LEU B 176 -14.60 7.92 -2.24
N SER B 177 -14.23 6.62 -2.26
CA SER B 177 -13.87 5.91 -3.52
C SER B 177 -14.96 4.97 -4.04
N LEU B 178 -16.08 4.86 -3.36
CA LEU B 178 -17.16 3.93 -3.80
C LEU B 178 -17.80 4.29 -5.17
N GLY B 179 -18.19 5.55 -5.33
CA GLY B 179 -18.61 6.01 -6.66
C GLY B 179 -17.59 5.78 -7.76
N ALA B 180 -16.32 5.98 -7.40
CA ALA B 180 -15.20 5.87 -8.34
C ALA B 180 -14.87 4.47 -8.78
N VAL B 181 -15.21 3.47 -7.97
CA VAL B 181 -15.05 2.05 -8.37
C VAL B 181 -16.11 1.72 -9.41
N HIS B 182 -17.34 2.19 -9.22
CA HIS B 182 -18.37 2.01 -10.27
C HIS B 182 -17.94 2.70 -11.58
N PHE B 183 -17.40 3.91 -11.48
CA PHE B 183 -16.96 4.64 -12.66
C PHE B 183 -16.01 3.80 -13.51
N PHE B 184 -15.00 3.23 -12.89
CA PHE B 184 -13.99 2.47 -13.61
C PHE B 184 -14.46 1.11 -14.01
N GLN B 185 -15.40 0.55 -13.28
CA GLN B 185 -15.97 -0.71 -13.73
C GLN B 185 -16.69 -0.45 -15.05
N VAL B 186 -17.63 0.48 -15.02
CA VAL B 186 -18.43 0.79 -16.18
C VAL B 186 -17.56 1.13 -17.38
N LEU B 187 -16.47 1.87 -17.19
CA LEU B 187 -15.54 2.15 -18.30
C LEU B 187 -14.68 0.94 -18.68
N GLY B 188 -14.76 -0.10 -17.87
CA GLY B 188 -14.01 -1.33 -18.12
C GLY B 188 -12.51 -1.23 -17.95
N SER B 189 -12.03 -0.64 -16.85
CA SER B 189 -10.60 -0.63 -16.54
C SER B 189 -10.10 -2.01 -16.03
N GLY B 190 -8.79 -2.28 -16.14
CA GLY B 190 -8.22 -3.56 -15.75
C GLY B 190 -8.29 -3.86 -14.24
N GLN B 191 -8.25 -2.81 -13.44
CA GLN B 191 -8.24 -2.92 -11.98
C GLN B 191 -9.09 -1.75 -11.39
N PRO B 192 -10.41 -1.79 -11.56
CA PRO B 192 -11.34 -0.79 -11.00
C PRO B 192 -11.09 -0.35 -9.53
N GLU B 193 -10.82 -1.27 -8.61
CA GLU B 193 -10.55 -0.97 -7.17
C GLU B 193 -9.30 -0.16 -6.97
N GLN B 194 -8.20 -0.56 -7.64
CA GLN B 194 -6.97 0.21 -7.49
C GLN B 194 -7.04 1.53 -8.25
N ASP B 195 -7.68 1.52 -9.40
CA ASP B 195 -7.84 2.78 -10.15
C ASP B 195 -8.66 3.80 -9.38
N ALA B 196 -9.78 3.37 -8.82
CA ALA B 196 -10.57 4.20 -7.93
C ALA B 196 -9.72 4.86 -6.86
N LYS B 197 -8.81 4.12 -6.20
CA LYS B 197 -7.98 4.73 -5.16
C LYS B 197 -7.02 5.74 -5.68
N VAL B 198 -6.48 5.47 -6.87
CA VAL B 198 -5.50 6.41 -7.46
C VAL B 198 -6.21 7.71 -7.80
N LEU B 199 -7.33 7.57 -8.47
CA LEU B 199 -8.07 8.78 -8.86
C LEU B 199 -8.47 9.61 -7.62
N THR B 200 -8.88 8.92 -6.57
CA THR B 200 -9.29 9.59 -5.36
C THR B 200 -8.11 10.35 -4.75
N SER B 201 -6.96 9.69 -4.74
CA SER B 201 -5.76 10.32 -4.30
C SER B 201 -5.46 11.57 -5.04
N ILE B 202 -5.55 11.52 -6.38
CA ILE B 202 -5.20 12.68 -7.17
C ILE B 202 -6.17 13.84 -6.83
N ILE B 203 -7.44 13.53 -6.79
CA ILE B 203 -8.43 14.56 -6.61
C ILE B 203 -8.29 15.19 -5.23
N LEU B 204 -7.99 14.40 -4.19
CA LEU B 204 -7.83 14.94 -2.86
C LEU B 204 -6.62 15.86 -2.83
N GLN B 205 -5.55 15.48 -3.56
CA GLN B 205 -4.31 16.27 -3.51
C GLN B 205 -4.57 17.59 -4.19
N GLU B 207 -7.54 19.36 -4.67
CA GLU B 207 -8.31 20.08 -3.66
C GLU B 207 -7.42 20.65 -2.55
N TYR B 208 -6.56 19.86 -1.92
CA TYR B 208 -5.62 20.41 -0.93
C TYR B 208 -4.67 21.48 -1.51
N GLN B 209 -3.97 21.11 -2.58
CA GLN B 209 -2.99 22.00 -3.25
C GLN B 209 -3.66 23.30 -3.58
N GLY B 210 -4.92 23.18 -3.97
CA GLY B 210 -5.75 24.35 -4.21
C GLY B 210 -5.95 25.25 -3.00
N LEU B 211 -6.18 24.68 -1.82
CA LEU B 211 -6.43 25.43 -0.60
C LEU B 211 -5.10 26.01 -0.17
N VAL B 212 -4.01 25.34 -0.51
CA VAL B 212 -2.67 25.91 -0.26
C VAL B 212 -2.33 27.10 -1.17
N ASP B 213 -2.49 26.93 -2.47
CA ASP B 213 -2.03 27.98 -3.37
C ASP B 213 -3.03 29.11 -3.34
N GLY B 214 -4.29 28.75 -3.07
CA GLY B 214 -5.37 29.75 -2.90
C GLY B 214 -6.04 30.11 -4.18
N GLN B 217 -4.29 31.87 -6.91
CA GLN B 217 -3.04 31.39 -7.54
C GLN B 217 -3.12 29.93 -8.05
N LEU B 218 -4.33 29.48 -8.41
CA LEU B 218 -4.58 28.07 -8.69
C LEU B 218 -3.93 27.64 -10.04
N ALA B 219 -3.54 26.37 -10.12
CA ALA B 219 -2.72 25.88 -11.23
C ALA B 219 -3.47 24.78 -12.00
N VAL B 220 -4.44 25.23 -12.81
CA VAL B 220 -5.50 24.36 -13.31
C VAL B 220 -5.04 23.51 -14.49
N ASP B 221 -4.23 24.10 -15.33
CA ASP B 221 -3.72 23.27 -16.39
C ASP B 221 -2.82 22.14 -15.89
N GLU B 222 -2.08 22.37 -14.79
CA GLU B 222 -1.29 21.30 -14.23
C GLU B 222 -2.21 20.14 -13.81
N ARG B 224 -5.05 19.37 -15.22
CA ARG B 224 -5.48 18.73 -16.45
C ARG B 224 -4.44 17.74 -16.98
N ALA B 225 -3.17 18.12 -16.94
CA ALA B 225 -2.12 17.28 -17.45
C ALA B 225 -1.98 16.01 -16.61
N ILE B 226 -2.09 16.15 -15.29
CA ILE B 226 -1.96 15.02 -14.36
C ILE B 226 -3.06 13.99 -14.65
N LEU B 227 -4.32 14.47 -14.80
CA LEU B 227 -5.48 13.58 -14.97
C LEU B 227 -5.51 12.97 -16.32
N ARG B 228 -5.09 13.76 -17.28
CA ARG B 228 -5.04 13.26 -18.61
C ARG B 228 -4.00 12.14 -18.72
N ARG B 229 -2.82 12.38 -18.19
CA ARG B 229 -1.80 11.33 -18.12
C ARG B 229 -2.36 10.03 -17.44
N TYR B 230 -2.91 10.17 -16.25
CA TYR B 230 -3.41 9.02 -15.51
C TYR B 230 -4.51 8.28 -16.28
N LEU B 231 -5.51 9.01 -16.74
CA LEU B 231 -6.62 8.38 -17.39
C LEU B 231 -6.20 7.81 -18.77
N ASN B 232 -5.27 8.45 -19.47
CA ASN B 232 -4.79 7.85 -20.74
C ASN B 232 -4.16 6.49 -20.55
N LEU B 233 -3.38 6.36 -19.49
CA LEU B 233 -2.82 5.04 -19.10
C LEU B 233 -3.90 4.04 -18.75
N VAL B 234 -4.86 4.41 -17.95
CA VAL B 234 -5.84 3.41 -17.59
C VAL B 234 -6.53 2.93 -18.87
N GLY B 236 -5.05 2.89 -21.75
CA GLY B 236 -4.10 2.10 -22.57
C GLY B 236 -3.41 2.91 -23.69
N LEU B 237 -3.21 4.20 -23.45
CA LEU B 237 -2.74 5.15 -24.50
C LEU B 237 -1.46 5.90 -24.14
N GLY C 32 17.29 33.62 29.21
CA GLY C 32 16.66 33.54 27.84
C GLY C 32 17.52 32.81 26.81
N SER C 33 17.93 31.60 27.19
CA SER C 33 18.90 30.81 26.41
C SER C 33 18.17 30.13 25.29
N GLU C 34 18.88 29.84 24.21
CA GLU C 34 18.26 29.17 23.08
C GLU C 34 17.81 27.74 23.45
N GLN C 35 18.49 27.13 24.43
CA GLN C 35 18.10 25.86 25.05
C GLN C 35 16.68 25.90 25.61
N ARG C 36 16.35 27.01 26.22
CA ARG C 36 15.10 27.13 26.92
C ARG C 36 13.99 27.32 25.90
N ARG C 37 14.28 28.17 24.92
CA ARG C 37 13.46 28.31 23.75
C ARG C 37 13.16 26.92 23.20
N GLN C 38 14.22 26.17 22.93
CA GLN C 38 14.08 24.84 22.34
C GLN C 38 13.28 23.91 23.28
N ALA C 39 13.44 24.03 24.59
CA ALA C 39 12.63 23.24 25.55
C ALA C 39 11.13 23.50 25.37
N ILE C 40 10.79 24.77 25.26
CA ILE C 40 9.41 25.21 25.02
C ILE C 40 8.87 24.63 23.70
N LEU C 41 9.66 24.78 22.64
CA LEU C 41 9.28 24.20 21.35
C LEU C 41 9.06 22.67 21.43
N ASP C 42 9.92 21.93 22.13
CA ASP C 42 9.82 20.45 22.15
C ASP C 42 8.56 20.09 22.93
N ALA C 43 8.17 21.02 23.79
CA ALA C 43 7.09 20.73 24.68
C ALA C 43 5.78 20.92 23.93
N ALA C 44 5.68 22.02 23.19
CA ALA C 44 4.53 22.25 22.34
C ALA C 44 4.34 21.03 21.38
N ARG C 46 5.34 17.85 21.89
CA ARG C 46 4.75 16.75 22.61
C ARG C 46 3.24 16.94 22.74
N LEU C 47 2.80 18.18 22.94
CA LEU C 47 1.37 18.39 23.14
C LEU C 47 0.61 18.11 21.84
N ILE C 48 1.16 18.61 20.74
CA ILE C 48 0.55 18.47 19.41
C ILE C 48 0.40 17.00 19.02
N VAL C 49 1.43 16.24 19.31
CA VAL C 49 1.51 14.88 18.90
C VAL C 49 0.48 14.04 19.71
N ARG C 50 0.36 14.37 20.98
CA ARG C 50 -0.52 13.68 21.87
C ARG C 50 -1.96 14.16 21.72
N ASP C 51 -2.17 15.47 21.75
CA ASP C 51 -3.54 16.02 21.80
C ASP C 51 -3.87 17.00 20.63
N GLY C 52 -2.94 17.24 19.73
CA GLY C 52 -3.22 18.14 18.57
C GLY C 52 -3.16 19.62 18.90
N VAL C 53 -3.59 20.46 17.95
CA VAL C 53 -3.22 21.88 18.02
C VAL C 53 -3.99 22.65 19.09
N ARG C 54 -5.18 22.17 19.41
CA ARG C 54 -5.98 22.85 20.43
C ARG C 54 -5.30 22.77 21.77
N ALA C 55 -4.36 21.84 21.95
CA ALA C 55 -3.59 21.76 23.21
C ALA C 55 -2.54 22.85 23.30
N VAL C 56 -2.26 23.56 22.21
CA VAL C 56 -1.17 24.54 22.23
C VAL C 56 -1.63 25.88 22.87
N ARG C 57 -1.52 26.01 24.18
CA ARG C 57 -1.93 27.21 24.94
C ARG C 57 -0.84 27.47 25.92
N HIS C 58 -0.64 28.73 26.33
CA HIS C 58 0.57 29.06 27.13
C HIS C 58 0.74 28.19 28.35
N ARG C 59 -0.35 28.01 29.08
CA ARG C 59 -0.24 27.40 30.43
C ARG C 59 0.12 25.93 30.28
N ALA C 60 -0.53 25.30 29.31
CA ALA C 60 -0.29 23.88 29.00
C ALA C 60 1.16 23.69 28.53
N VAL C 61 1.66 24.63 27.71
CA VAL C 61 3.00 24.51 27.11
C VAL C 61 4.00 24.67 28.27
N ALA C 62 3.81 25.73 29.05
CA ALA C 62 4.66 25.99 30.24
C ALA C 62 4.67 24.80 31.21
N ALA C 63 3.49 24.29 31.54
CA ALA C 63 3.38 23.10 32.40
C ALA C 63 4.06 21.90 31.77
N GLU C 64 3.90 21.71 30.47
CA GLU C 64 4.51 20.56 29.79
C GLU C 64 6.04 20.72 29.75
N ALA C 65 6.49 21.95 29.58
CA ALA C 65 7.93 22.27 29.56
C ALA C 65 8.56 22.40 30.98
N GLN C 66 7.73 22.54 32.02
CA GLN C 66 8.21 22.84 33.37
C GLN C 66 9.11 24.09 33.36
N VAL C 67 8.47 25.24 33.11
CA VAL C 67 9.09 26.55 33.16
C VAL C 67 7.97 27.48 33.51
N PRO C 68 8.29 28.70 33.94
CA PRO C 68 7.16 29.52 34.29
C PRO C 68 6.45 30.08 33.08
N LEU C 69 5.21 30.49 33.28
CA LEU C 69 4.45 31.19 32.27
C LEU C 69 5.29 32.28 31.56
N SER C 70 6.08 32.99 32.35
CA SER C 70 6.83 34.13 31.88
C SER C 70 7.84 33.73 30.82
N ALA C 71 8.48 32.56 30.97
CA ALA C 71 9.36 31.99 29.92
C ALA C 71 8.64 31.85 28.57
N THR C 72 7.42 31.33 28.56
CA THR C 72 6.73 31.12 27.27
C THR C 72 6.27 32.43 26.65
N THR C 73 5.80 33.37 27.48
CA THR C 73 5.31 34.66 27.02
C THR C 73 6.47 35.53 26.56
N TYR C 74 7.65 35.30 27.15
CA TYR C 74 8.87 35.99 26.73
C TYR C 74 9.33 35.56 25.32
N TYR C 75 9.51 34.26 25.10
CA TYR C 75 9.86 33.75 23.76
C TYR C 75 8.71 33.78 22.76
N PHE C 76 7.50 33.50 23.23
CA PHE C 76 6.34 33.32 22.32
C PHE C 76 5.18 34.15 22.79
N LYS C 77 5.38 35.46 22.75
CA LYS C 77 4.39 36.43 23.25
C LYS C 77 3.01 36.09 22.73
N ASP C 78 2.90 35.91 21.41
CA ASP C 78 1.62 35.55 20.85
C ASP C 78 1.66 34.06 20.49
N ILE C 79 0.62 33.35 20.85
CA ILE C 79 0.63 31.93 20.71
C ILE C 79 0.79 31.45 19.24
N ASP C 80 0.28 32.22 18.31
CA ASP C 80 0.43 31.90 16.89
C ASP C 80 1.87 31.89 16.49
N ASP C 81 2.74 32.62 17.18
CA ASP C 81 4.17 32.50 16.90
C ASP C 81 4.75 31.19 17.32
N LEU C 82 4.29 30.66 18.42
CA LEU C 82 4.71 29.34 18.81
C LEU C 82 4.16 28.30 17.82
N ILE C 83 2.90 28.43 17.44
CA ILE C 83 2.37 27.56 16.39
C ILE C 83 3.24 27.62 15.13
N THR C 84 3.52 28.80 14.67
CA THR C 84 4.33 28.87 13.44
C THR C 84 5.65 28.18 13.59
N ASP C 85 6.36 28.44 14.70
CA ASP C 85 7.71 27.85 14.84
C ASP C 85 7.67 26.34 15.03
N THR C 86 6.68 25.81 15.74
CA THR C 86 6.61 24.35 15.85
C THR C 86 6.30 23.68 14.53
N PHE C 87 5.42 24.27 13.73
CA PHE C 87 5.16 23.76 12.38
C PHE C 87 6.44 23.79 11.53
N ALA C 88 7.18 24.92 11.57
CA ALA C 88 8.37 25.11 10.70
C ALA C 88 9.36 24.00 11.05
N LEU C 89 9.58 23.78 12.35
CA LEU C 89 10.50 22.76 12.80
C LEU C 89 10.10 21.36 12.33
N PHE C 90 8.84 21.04 12.51
CA PHE C 90 8.31 19.76 12.13
C PHE C 90 8.47 19.51 10.63
N VAL C 91 8.21 20.51 9.79
CA VAL C 91 8.36 20.42 8.34
C VAL C 91 9.82 20.25 8.03
N GLU C 92 10.70 21.03 8.70
CA GLU C 92 12.16 21.00 8.42
C GLU C 92 12.75 19.63 8.70
N ARG C 93 12.25 18.99 9.75
CA ARG C 93 12.73 17.67 10.09
C ARG C 93 12.20 16.66 9.10
N ASN C 94 10.93 16.77 8.71
CA ASN C 94 10.42 15.82 7.65
C ASN C 94 11.00 16.06 6.26
N ALA C 95 11.43 17.28 5.95
CA ALA C 95 12.15 17.54 4.64
C ALA C 95 13.53 16.84 4.59
N GLU C 96 14.25 16.94 5.70
CA GLU C 96 15.57 16.37 5.84
C GLU C 96 15.44 14.88 5.76
N ALA C 97 14.37 14.32 6.33
CA ALA C 97 14.24 12.86 6.35
C ALA C 97 14.01 12.32 4.93
N LEU C 98 13.20 13.06 4.17
CA LEU C 98 12.83 12.66 2.87
C LEU C 98 13.99 12.82 1.86
N SER C 99 14.76 13.89 1.97
CA SER C 99 16.04 14.02 1.18
C SER C 99 16.99 12.92 1.51
N ALA C 100 17.08 12.57 2.78
CA ALA C 100 17.83 11.38 3.16
C ALA C 100 17.29 10.13 2.48
N PHE C 101 15.97 9.93 2.44
CA PHE C 101 15.45 8.76 1.75
C PHE C 101 15.87 8.74 0.26
N TRP C 102 15.69 9.86 -0.39
CA TRP C 102 15.91 9.90 -1.81
C TRP C 102 17.40 9.61 -2.08
N SER C 103 18.24 10.25 -1.29
CA SER C 103 19.68 10.03 -1.36
C SER C 103 20.03 8.54 -1.18
N SER C 104 19.34 7.87 -0.25
CA SER C 104 19.68 6.48 0.06
C SER C 104 19.34 5.55 -1.07
N VAL C 105 18.41 5.96 -1.91
CA VAL C 105 17.90 5.12 -2.99
C VAL C 105 18.57 5.50 -4.36
N GLU C 106 19.30 6.59 -4.39
CA GLU C 106 19.65 7.15 -5.72
C GLU C 106 20.50 6.20 -6.60
N GLY C 107 21.47 5.51 -6.00
CA GLY C 107 22.30 4.52 -6.71
C GLY C 107 21.47 3.43 -7.48
N ASP C 108 20.65 2.72 -6.73
CA ASP C 108 19.60 1.81 -7.29
C ASP C 108 18.81 2.50 -8.35
N LEU C 109 18.43 3.73 -8.05
CA LEU C 109 17.69 4.51 -9.01
C LEU C 109 18.47 4.61 -10.32
N GLN C 110 19.73 5.01 -10.30
CA GLN C 110 20.38 5.31 -11.57
C GLN C 110 20.75 4.05 -12.36
N GLU C 111 21.09 2.98 -11.64
CA GLU C 111 21.46 1.73 -12.25
C GLU C 111 20.34 1.21 -13.22
N ALA C 113 18.27 2.43 -14.99
CA ALA C 113 18.43 2.97 -16.37
C ALA C 113 19.24 2.03 -17.27
N ALA C 114 20.28 1.40 -16.69
CA ALA C 114 21.16 0.52 -17.50
C ALA C 114 20.51 -0.83 -17.59
N VAL C 115 19.94 -1.32 -16.49
CA VAL C 115 19.17 -2.58 -16.55
C VAL C 115 18.16 -2.48 -17.68
N LEU C 116 17.32 -1.44 -17.66
CA LEU C 116 16.37 -1.21 -18.79
C LEU C 116 17.07 -1.07 -20.13
N ALA C 117 18.17 -0.29 -20.18
CA ALA C 117 18.92 -0.10 -21.43
C ALA C 117 19.39 -1.47 -21.90
N ASP C 118 19.92 -2.26 -20.95
CA ASP C 118 20.47 -3.62 -21.17
C ASP C 118 19.48 -4.76 -21.33
N ASP C 119 18.34 -4.65 -20.68
CA ASP C 119 17.38 -5.75 -20.65
C ASP C 119 16.07 -5.21 -20.19
N PRO C 120 15.19 -4.92 -21.12
CA PRO C 120 14.02 -4.21 -20.72
C PRO C 120 12.83 -5.08 -20.55
N GLY C 121 12.95 -6.39 -20.88
CA GLY C 121 12.08 -7.38 -20.28
C GLY C 121 12.27 -7.47 -18.77
N ALA C 122 13.29 -6.78 -18.24
CA ALA C 122 13.47 -6.59 -16.80
C ALA C 122 12.50 -5.66 -16.15
N ARG C 123 11.70 -4.93 -16.90
CA ARG C 123 10.74 -4.00 -16.28
C ARG C 123 9.78 -4.60 -15.20
N GLY C 124 9.22 -5.78 -15.44
CA GLY C 124 8.43 -6.55 -14.43
C GLY C 124 9.19 -6.75 -13.11
N SER C 125 10.44 -7.16 -13.19
CA SER C 125 11.15 -7.42 -11.98
C SER C 125 11.55 -6.11 -11.31
N LEU C 126 11.73 -5.05 -12.09
CA LEU C 126 12.06 -3.79 -11.47
C LEU C 126 10.91 -3.26 -10.72
N VAL C 127 9.69 -3.34 -11.28
CA VAL C 127 8.51 -2.89 -10.53
C VAL C 127 8.34 -3.63 -9.20
N GLU C 128 8.72 -4.93 -9.13
CA GLU C 128 8.67 -5.67 -7.83
C GLU C 128 9.53 -4.94 -6.77
N ARG C 129 10.75 -4.59 -7.15
CA ARG C 129 11.68 -3.94 -6.24
C ARG C 129 11.24 -2.53 -5.90
N ILE C 130 10.67 -1.83 -6.88
CA ILE C 130 10.23 -0.45 -6.65
C ILE C 130 9.13 -0.44 -5.62
N VAL C 131 8.14 -1.33 -5.80
CA VAL C 131 7.05 -1.37 -4.89
C VAL C 131 7.44 -1.80 -3.47
N GLU C 132 8.31 -2.79 -3.35
CA GLU C 132 8.86 -3.18 -2.05
C GLU C 132 9.52 -1.94 -1.35
N LEU C 133 10.37 -1.20 -2.06
CA LEU C 133 11.00 0.01 -1.48
C LEU C 133 9.99 1.08 -1.10
N ALA C 134 9.06 1.41 -2.00
CA ALA C 134 8.06 2.40 -1.73
C ALA C 134 7.27 2.02 -0.50
N VAL C 135 6.82 0.76 -0.40
CA VAL C 135 6.00 0.45 0.75
C VAL C 135 6.86 0.38 2.02
N GLN C 136 8.12 -0.02 1.86
CA GLN C 136 8.99 -0.01 3.02
C GLN C 136 9.13 1.45 3.59
N TYR C 137 9.26 2.43 2.70
CA TYR C 137 9.35 3.86 3.06
C TYR C 137 8.17 4.24 3.90
N VAL C 138 6.98 3.95 3.38
CA VAL C 138 5.76 4.35 4.08
C VAL C 138 5.75 3.66 5.42
N GLN C 139 6.08 2.36 5.51
CA GLN C 139 6.02 1.66 6.81
C GLN C 139 6.93 2.29 7.89
N VAL C 140 8.18 2.56 7.51
CA VAL C 140 9.12 3.35 8.31
C VAL C 140 8.51 4.68 8.76
N GLN C 141 7.93 5.46 7.85
CA GLN C 141 7.30 6.70 8.27
C GLN C 141 6.20 6.49 9.32
N LEU C 142 5.35 5.50 9.12
CA LEU C 142 4.21 5.25 9.99
C LEU C 142 4.52 4.55 11.28
N THR C 143 5.72 3.99 11.39
CA THR C 143 6.14 3.27 12.57
C THR C 143 7.27 4.04 13.28
N GLU C 144 8.47 4.02 12.76
CA GLU C 144 9.57 4.69 13.35
C GLU C 144 9.42 6.19 13.41
N ARG C 145 8.82 6.80 12.39
CA ARG C 145 8.74 8.25 12.34
C ARG C 145 7.29 8.69 12.40
N ARG C 146 6.51 8.02 13.24
CA ARG C 146 5.09 8.35 13.33
C ARG C 146 4.87 9.68 14.04
N GLU C 147 5.53 9.87 15.20
CA GLU C 147 5.45 11.11 15.99
C GLU C 147 5.87 12.34 15.12
N HIS C 148 6.89 12.19 14.28
CA HIS C 148 7.23 13.23 13.27
C HIS C 148 6.20 13.46 12.19
N LEU C 149 5.60 12.38 11.63
CA LEU C 149 4.52 12.53 10.63
C LEU C 149 3.30 13.16 11.26
N LEU C 150 2.98 12.74 12.46
CA LEU C 150 1.82 13.29 13.17
C LEU C 150 1.95 14.76 13.42
N ALA C 151 3.17 15.18 13.77
CA ALA C 151 3.43 16.58 14.12
C ALA C 151 3.15 17.49 12.99
N GLU C 152 3.54 17.13 11.76
CA GLU C 152 3.20 17.94 10.60
C GLU C 152 1.75 17.85 10.20
N GLN C 153 1.28 16.63 10.12
CA GLN C 153 -0.08 16.37 9.73
C GLN C 153 -1.08 16.97 10.70
N ALA C 154 -0.69 17.11 11.97
CA ALA C 154 -1.59 17.70 12.97
C ALA C 154 -1.81 19.16 12.67
N PHE C 155 -1.11 19.71 11.66
CA PHE C 155 -1.37 21.07 11.20
C PHE C 155 -2.04 21.07 9.85
N ARG C 156 -2.43 19.90 9.36
CA ARG C 156 -2.91 19.83 8.00
C ARG C 156 -3.89 20.92 7.62
N GLN C 157 -4.81 21.24 8.50
CA GLN C 157 -5.86 22.27 8.16
C GLN C 157 -5.43 23.62 8.63
N GLU C 158 -4.78 23.64 9.79
CA GLU C 158 -4.32 24.85 10.45
C GLU C 158 -3.55 25.68 9.48
N ALA C 159 -2.68 25.00 8.80
CA ALA C 159 -1.72 25.56 7.90
C ALA C 159 -2.35 26.15 6.67
N LEU C 160 -3.59 25.75 6.38
CA LEU C 160 -4.39 26.38 5.36
C LEU C 160 -4.95 27.72 5.71
N LEU C 161 -4.99 28.04 7.00
CA LEU C 161 -5.64 29.27 7.46
C LEU C 161 -4.67 30.40 7.68
N ASN C 162 -3.43 30.24 7.23
CA ASN C 162 -2.38 31.19 7.51
C ASN C 162 -1.34 31.26 6.40
N PRO C 163 -1.07 32.48 5.86
CA PRO C 163 -0.21 32.49 4.64
C PRO C 163 1.27 32.11 4.92
N ARG C 164 1.72 32.55 6.10
CA ARG C 164 2.93 31.99 6.74
C ARG C 164 2.91 30.46 6.65
N LEU C 165 2.06 29.83 7.45
CA LEU C 165 2.06 28.38 7.50
C LEU C 165 1.98 27.78 6.10
N ARG C 166 1.26 28.43 5.19
CA ARG C 166 0.95 27.85 3.85
C ARG C 166 2.14 27.35 2.97
N GLU C 167 3.19 28.17 2.85
CA GLU C 167 4.43 27.76 2.17
C GLU C 167 5.10 26.56 2.80
N LEU C 168 5.17 26.55 4.12
CA LEU C 168 5.73 25.40 4.84
C LEU C 168 4.92 24.11 4.65
N ALA C 169 3.59 24.27 4.49
CA ALA C 169 2.62 23.14 4.30
C ALA C 169 2.83 22.38 2.98
N ASP C 170 3.45 23.09 2.02
CA ASP C 170 3.71 22.62 0.65
C ASP C 170 5.03 21.85 0.55
N ALA C 171 5.86 21.95 1.57
CA ALA C 171 7.20 21.45 1.45
C ALA C 171 7.25 19.92 1.20
N HIS C 172 6.52 19.13 1.98
CA HIS C 172 6.63 17.68 1.87
C HIS C 172 6.31 17.21 0.40
N GLN C 173 5.12 17.59 -0.04
CA GLN C 173 4.67 17.45 -1.42
C GLN C 173 5.79 17.78 -2.44
N ARG C 174 6.42 18.96 -2.23
CA ARG C 174 7.41 19.47 -3.13
C ARG C 174 8.65 18.56 -3.17
N ILE C 175 9.08 18.04 -2.05
CA ILE C 175 10.32 17.30 -2.08
C ILE C 175 10.00 15.90 -2.59
N LEU C 176 8.80 15.42 -2.28
CA LEU C 176 8.37 14.12 -2.75
C LEU C 176 8.43 14.18 -4.27
N SER C 177 7.84 15.23 -4.82
CA SER C 177 7.50 15.22 -6.24
C SER C 177 8.75 15.58 -7.05
N LEU C 178 9.64 16.45 -6.54
CA LEU C 178 10.95 16.67 -7.21
C LEU C 178 11.85 15.43 -7.24
N GLY C 179 11.92 14.72 -6.11
CA GLY C 179 12.51 13.40 -6.12
C GLY C 179 11.81 12.42 -7.06
N ALA C 180 10.50 12.48 -7.13
CA ALA C 180 9.77 11.54 -7.96
C ALA C 180 9.92 11.83 -9.46
N VAL C 181 10.05 13.11 -9.85
CA VAL C 181 10.37 13.48 -11.24
C VAL C 181 11.61 12.83 -11.72
N HIS C 182 12.62 12.95 -10.90
CA HIS C 182 13.87 12.31 -11.28
C HIS C 182 13.73 10.75 -11.43
N PHE C 183 13.08 10.13 -10.45
CA PHE C 183 12.76 8.70 -10.53
C PHE C 183 12.08 8.32 -11.88
N PHE C 184 10.97 8.96 -12.21
CA PHE C 184 10.27 8.69 -13.46
C PHE C 184 11.12 9.07 -14.67
N GLN C 185 11.95 10.09 -14.55
CA GLN C 185 12.83 10.45 -15.70
C GLN C 185 13.77 9.31 -16.00
N VAL C 186 14.36 8.73 -14.97
CA VAL C 186 15.28 7.59 -15.15
C VAL C 186 14.59 6.30 -15.60
N LEU C 187 13.47 5.98 -14.97
CA LEU C 187 12.64 4.88 -15.39
C LEU C 187 12.33 4.84 -16.88
N GLY C 188 12.34 5.98 -17.52
CA GLY C 188 11.90 6.06 -18.89
C GLY C 188 10.58 6.78 -19.15
N SER C 189 9.84 7.17 -18.11
CA SER C 189 8.50 7.71 -18.26
C SER C 189 8.36 8.71 -19.39
N GLY C 190 7.32 8.60 -20.21
CA GLY C 190 7.03 9.68 -21.21
C GLY C 190 6.75 11.06 -20.57
N GLN C 191 6.13 11.06 -19.39
CA GLN C 191 5.64 12.27 -18.72
C GLN C 191 6.05 12.26 -17.24
N PRO C 192 7.35 12.35 -16.97
CA PRO C 192 7.86 12.24 -15.61
C PRO C 192 7.29 13.22 -14.58
N GLU C 193 6.94 14.42 -15.03
CA GLU C 193 6.37 15.48 -14.18
C GLU C 193 5.00 15.08 -13.62
N GLN C 194 4.12 14.68 -14.55
CA GLN C 194 2.79 14.19 -14.17
C GLN C 194 2.85 12.90 -13.40
N ASP C 195 3.71 11.95 -13.81
CA ASP C 195 3.86 10.71 -13.05
C ASP C 195 4.29 10.95 -11.58
N ALA C 196 5.28 11.82 -11.39
CA ALA C 196 5.75 12.23 -10.07
C ALA C 196 4.63 12.84 -9.24
N LYS C 197 3.78 13.68 -9.86
CA LYS C 197 2.63 14.21 -9.11
C LYS C 197 1.61 13.13 -8.71
N VAL C 198 1.41 12.13 -9.57
CA VAL C 198 0.47 11.12 -9.23
C VAL C 198 0.98 10.26 -8.12
N LEU C 199 2.26 9.97 -8.14
CA LEU C 199 2.85 9.09 -7.16
C LEU C 199 2.82 9.76 -5.80
N THR C 200 3.18 11.04 -5.80
CA THR C 200 3.11 11.90 -4.62
C THR C 200 1.72 11.88 -3.97
N SER C 201 0.69 12.09 -4.77
CA SER C 201 -0.70 11.94 -4.35
C SER C 201 -1.02 10.62 -3.71
N ILE C 202 -0.66 9.52 -4.35
CA ILE C 202 -0.84 8.21 -3.73
C ILE C 202 -0.12 8.13 -2.39
N ILE C 203 1.13 8.55 -2.35
CA ILE C 203 1.94 8.31 -1.15
C ILE C 203 1.37 9.14 0.00
N LEU C 204 0.96 10.34 -0.29
CA LEU C 204 0.40 11.20 0.79
C LEU C 204 -0.91 10.65 1.32
N GLN C 205 -1.72 10.07 0.45
CA GLN C 205 -3.01 9.51 0.93
C GLN C 205 -2.72 8.30 1.77
N GLU C 207 -0.02 7.85 3.59
CA GLU C 207 0.56 8.28 4.85
C GLU C 207 -0.56 8.65 5.77
N TYR C 208 -1.50 9.45 5.27
CA TYR C 208 -2.65 9.89 6.06
C TYR C 208 -3.47 8.72 6.60
N GLN C 209 -3.76 7.79 5.75
CA GLN C 209 -4.58 6.64 6.07
C GLN C 209 -3.95 5.66 7.02
N GLY C 210 -2.68 5.42 6.81
CA GLY C 210 -1.83 4.72 7.78
C GLY C 210 -1.77 5.36 9.15
N LEU C 211 -1.76 6.68 9.19
CA LEU C 211 -1.77 7.39 10.47
C LEU C 211 -3.08 7.21 11.19
N VAL C 212 -4.17 7.19 10.47
CA VAL C 212 -5.43 7.08 11.13
C VAL C 212 -5.80 5.67 11.51
N ASP C 213 -5.66 4.74 10.58
CA ASP C 213 -6.00 3.35 10.78
C ASP C 213 -4.87 2.53 11.40
N GLY C 214 -3.62 2.92 11.21
CA GLY C 214 -2.52 2.03 11.59
C GLY C 214 -2.33 1.03 10.47
N VAL C 215 -1.19 0.35 10.45
CA VAL C 215 -0.91 -0.66 9.44
C VAL C 215 -0.56 -1.99 10.02
N GLU C 216 -1.18 -3.01 9.43
CA GLU C 216 -0.74 -4.40 9.53
C GLU C 216 -0.71 -4.97 8.10
N GLN C 217 -0.78 -6.29 7.95
CA GLN C 217 -0.48 -6.92 6.65
C GLN C 217 -1.47 -6.54 5.56
N LEU C 218 -2.76 -6.55 5.89
CA LEU C 218 -3.75 -6.28 4.85
C LEU C 218 -3.56 -4.86 4.28
N ALA C 219 -3.24 -3.87 5.14
CA ALA C 219 -3.12 -2.49 4.64
C ALA C 219 -1.87 -2.40 3.78
N VAL C 220 -0.76 -2.99 4.23
CA VAL C 220 0.49 -3.03 3.47
C VAL C 220 0.27 -3.68 2.14
N ASP C 221 -0.50 -4.73 2.11
CA ASP C 221 -0.74 -5.42 0.83
C ASP C 221 -1.61 -4.57 -0.12
N GLU C 222 -2.60 -3.89 0.44
CA GLU C 222 -3.35 -2.85 -0.32
C GLU C 222 -2.50 -1.72 -0.82
N ARG C 224 0.66 -1.91 -1.47
CA ARG C 224 1.43 -2.49 -2.58
C ARG C 224 0.63 -2.57 -3.90
N ALA C 225 -0.63 -3.04 -3.79
CA ALA C 225 -1.49 -3.27 -4.93
C ALA C 225 -1.76 -1.90 -5.67
N ILE C 226 -2.00 -0.83 -4.91
CA ILE C 226 -2.30 0.52 -5.51
C ILE C 226 -1.06 1.06 -6.17
N LEU C 227 0.05 0.96 -5.48
CA LEU C 227 1.28 1.44 -6.06
C LEU C 227 1.62 0.66 -7.30
N ARG C 228 1.61 -0.67 -7.22
CA ARG C 228 1.93 -1.50 -8.39
C ARG C 228 1.06 -1.16 -9.60
N ARG C 229 -0.22 -0.93 -9.36
CA ARG C 229 -1.12 -0.64 -10.46
C ARG C 229 -0.65 0.56 -11.23
N TYR C 230 -0.29 1.65 -10.55
CA TYR C 230 0.15 2.80 -11.24
C TYR C 230 1.52 2.61 -11.84
N LEU C 231 2.47 1.99 -11.13
CA LEU C 231 3.77 1.80 -11.72
C LEU C 231 3.74 0.85 -12.94
N ASN C 232 2.96 -0.22 -12.87
CA ASN C 232 2.77 -1.08 -14.03
C ASN C 232 2.34 -0.26 -15.27
N LEU C 233 1.33 0.60 -15.08
CA LEU C 233 0.74 1.31 -16.18
C LEU C 233 1.83 2.20 -16.82
N VAL C 234 2.64 2.90 -16.00
CA VAL C 234 3.73 3.72 -16.48
C VAL C 234 4.74 2.94 -17.29
N GLY C 236 4.12 0.22 -19.01
CA GLY C 236 3.56 -0.42 -20.21
C GLY C 236 3.01 -1.82 -19.91
N LEU C 237 2.83 -2.14 -18.63
CA LEU C 237 2.37 -3.45 -18.22
C LEU C 237 0.84 -3.37 -17.98
#